data_6WPV
#
_entry.id   6WPV
#
_entity_poly.entity_id   1
_entity_poly.type   'polypeptide(L)'
_entity_poly.pdbx_seq_one_letter_code
;GTVAVQFL
;
_entity_poly.pdbx_strand_id   A
#
# COMPACT_ATOMS: atom_id res chain seq x y z
N GLY A 1 1.35 3.21 0.70
CA GLY A 1 1.96 3.05 1.98
C GLY A 1 1.23 2.08 2.87
N THR A 2 0.31 1.32 2.29
CA THR A 2 -0.42 0.35 3.04
C THR A 2 -0.01 -1.06 2.60
N VAL A 3 -0.60 -2.07 3.19
CA VAL A 3 -0.28 -3.44 2.82
C VAL A 3 -1.03 -3.80 1.54
N ALA A 4 -2.25 -3.32 1.42
CA ALA A 4 -3.09 -3.61 0.28
C ALA A 4 -2.63 -2.82 -0.93
N VAL A 5 -2.25 -1.58 -0.71
CA VAL A 5 -1.75 -0.75 -1.76
C VAL A 5 -0.37 -0.26 -1.37
N GLN A 6 0.63 -0.95 -1.86
CA GLN A 6 2.02 -0.66 -1.53
C GLN A 6 2.42 0.76 -1.87
N PHE A 7 1.91 1.30 -2.98
CA PHE A 7 2.30 2.65 -3.38
C PHE A 7 1.59 3.70 -2.53
N LEU A 8 0.62 3.28 -1.76
CA LEU A 8 -0.14 4.18 -0.92
C LEU A 8 0.39 4.10 0.50
N GLY A 1 1.29 2.98 0.31
CA GLY A 1 2.02 2.94 1.55
C GLY A 1 1.32 2.09 2.56
N THR A 2 0.54 1.16 2.07
CA THR A 2 -0.17 0.24 2.90
C THR A 2 0.21 -1.15 2.45
N VAL A 3 -0.28 -2.14 3.12
CA VAL A 3 -0.02 -3.50 2.72
C VAL A 3 -1.04 -3.92 1.66
N ALA A 4 -2.19 -3.25 1.67
CA ALA A 4 -3.25 -3.57 0.71
C ALA A 4 -2.89 -3.01 -0.64
N VAL A 5 -2.34 -1.82 -0.63
CA VAL A 5 -1.85 -1.18 -1.82
C VAL A 5 -0.44 -0.70 -1.50
N GLN A 6 0.56 -1.38 -2.05
CA GLN A 6 1.97 -1.03 -1.82
C GLN A 6 2.24 0.41 -2.24
N PHE A 7 1.63 0.79 -3.34
CA PHE A 7 1.69 2.13 -3.88
C PHE A 7 1.18 3.19 -2.88
N LEU A 8 0.20 2.83 -2.09
CA LEU A 8 -0.43 3.79 -1.20
C LEU A 8 0.30 3.84 0.15
N GLY A 1 1.29 3.08 0.43
CA GLY A 1 1.94 3.01 1.72
C GLY A 1 1.17 2.12 2.69
N THR A 2 0.31 1.31 2.16
CA THR A 2 -0.47 0.42 2.96
C THR A 2 0.02 -1.00 2.74
N VAL A 3 -0.56 -1.94 3.44
CA VAL A 3 -0.21 -3.33 3.26
C VAL A 3 -0.96 -3.89 2.05
N ALA A 4 -2.15 -3.33 1.80
CA ALA A 4 -3.00 -3.80 0.71
C ALA A 4 -2.51 -3.24 -0.61
N VAL A 5 -2.11 -2.00 -0.57
CA VAL A 5 -1.55 -1.32 -1.71
C VAL A 5 -0.25 -0.68 -1.24
N GLN A 6 0.88 -1.29 -1.57
CA GLN A 6 2.17 -0.77 -1.11
C GLN A 6 2.51 0.57 -1.77
N PHE A 7 1.90 0.81 -2.91
CA PHE A 7 1.99 2.10 -3.60
C PHE A 7 1.38 3.22 -2.73
N LEU A 8 0.35 2.85 -1.98
CA LEU A 8 -0.38 3.80 -1.17
C LEU A 8 0.23 3.85 0.24
N GLY A 1 1.10 3.01 0.37
CA GLY A 1 1.83 2.90 1.60
C GLY A 1 1.22 1.92 2.56
N THR A 2 0.23 1.18 2.14
CA THR A 2 -0.40 0.21 2.98
C THR A 2 0.05 -1.18 2.55
N VAL A 3 -0.41 -2.22 3.21
CA VAL A 3 -0.07 -3.56 2.81
C VAL A 3 -0.95 -4.00 1.64
N ALA A 4 -2.17 -3.49 1.61
CA ALA A 4 -3.09 -3.80 0.54
C ALA A 4 -2.69 -3.07 -0.73
N VAL A 5 -2.27 -1.83 -0.57
CA VAL A 5 -1.81 -1.03 -1.68
C VAL A 5 -0.47 -0.42 -1.29
N GLN A 6 0.60 -1.09 -1.65
CA GLN A 6 1.96 -0.66 -1.31
C GLN A 6 2.28 0.68 -1.97
N PHE A 7 1.64 0.92 -3.10
CA PHE A 7 1.70 2.17 -3.83
C PHE A 7 1.23 3.34 -2.94
N LEU A 8 0.25 3.08 -2.11
CA LEU A 8 -0.32 4.09 -1.27
C LEU A 8 0.39 4.08 0.10
N GLY A 1 1.25 2.95 0.33
CA GLY A 1 2.00 2.80 1.53
C GLY A 1 1.29 1.94 2.54
N THR A 2 0.33 1.19 2.08
CA THR A 2 -0.42 0.31 2.93
C THR A 2 0.03 -1.13 2.66
N VAL A 3 -0.56 -2.08 3.35
CA VAL A 3 -0.22 -3.48 3.15
C VAL A 3 -0.82 -3.99 1.85
N ALA A 4 -2.04 -3.57 1.57
CA ALA A 4 -2.73 -4.00 0.37
C ALA A 4 -2.24 -3.24 -0.84
N VAL A 5 -1.90 -1.98 -0.66
CA VAL A 5 -1.43 -1.17 -1.74
C VAL A 5 -0.11 -0.49 -1.36
N GLN A 6 0.98 -1.10 -1.74
CA GLN A 6 2.33 -0.58 -1.49
C GLN A 6 2.49 0.80 -2.12
N PHE A 7 1.80 1.00 -3.23
CA PHE A 7 1.74 2.31 -3.91
C PHE A 7 1.22 3.40 -2.95
N LEU A 8 0.30 3.03 -2.10
CA LEU A 8 -0.31 3.98 -1.18
C LEU A 8 0.43 3.97 0.14
N GLY A 1 1.27 2.90 0.44
CA GLY A 1 1.92 2.83 1.72
C GLY A 1 1.05 2.13 2.73
N THR A 2 0.40 1.08 2.29
CA THR A 2 -0.45 0.30 3.12
C THR A 2 -0.15 -1.17 2.86
N VAL A 3 -0.75 -2.05 3.62
CA VAL A 3 -0.56 -3.47 3.42
C VAL A 3 -1.42 -3.94 2.23
N ALA A 4 -2.50 -3.22 1.97
CA ALA A 4 -3.41 -3.61 0.89
C ALA A 4 -2.93 -3.08 -0.45
N VAL A 5 -2.42 -1.87 -0.44
CA VAL A 5 -1.85 -1.28 -1.63
C VAL A 5 -0.45 -0.83 -1.29
N GLN A 6 0.54 -1.53 -1.82
CA GLN A 6 1.95 -1.22 -1.64
C GLN A 6 2.22 0.24 -2.03
N PHE A 7 1.71 0.61 -3.19
CA PHE A 7 1.81 1.96 -3.75
C PHE A 7 1.31 3.05 -2.78
N LEU A 8 0.28 2.74 -2.02
CA LEU A 8 -0.34 3.74 -1.17
C LEU A 8 0.29 3.75 0.23
N GLY A 1 1.27 2.99 0.33
CA GLY A 1 1.99 2.86 1.56
C GLY A 1 1.42 1.82 2.50
N THR A 2 0.36 1.18 2.13
CA THR A 2 -0.28 0.21 2.97
C THR A 2 0.15 -1.19 2.56
N VAL A 3 -0.41 -2.18 3.21
CA VAL A 3 -0.17 -3.56 2.83
C VAL A 3 -1.11 -3.94 1.68
N ALA A 4 -2.29 -3.34 1.66
CA ALA A 4 -3.27 -3.60 0.62
C ALA A 4 -2.84 -2.95 -0.68
N VAL A 5 -2.27 -1.77 -0.58
CA VAL A 5 -1.77 -1.06 -1.73
C VAL A 5 -0.42 -0.48 -1.35
N GLN A 6 0.65 -1.11 -1.78
CA GLN A 6 2.00 -0.66 -1.43
C GLN A 6 2.31 0.68 -2.06
N PHE A 7 1.66 0.93 -3.18
CA PHE A 7 1.68 2.21 -3.86
C PHE A 7 1.19 3.33 -2.94
N LEU A 8 0.26 3.00 -2.08
CA LEU A 8 -0.35 3.96 -1.20
C LEU A 8 0.31 3.88 0.19
N GLY A 1 1.40 2.69 0.24
CA GLY A 1 2.17 2.45 1.43
C GLY A 1 1.39 1.73 2.48
N THR A 2 0.44 0.92 2.06
CA THR A 2 -0.39 0.17 2.97
C THR A 2 -0.19 -1.31 2.73
N VAL A 3 -0.81 -2.14 3.55
CA VAL A 3 -0.74 -3.58 3.39
C VAL A 3 -1.60 -3.98 2.18
N ALA A 4 -2.64 -3.19 1.93
CA ALA A 4 -3.55 -3.45 0.84
C ALA A 4 -2.98 -2.97 -0.49
N VAL A 5 -2.31 -1.82 -0.48
CA VAL A 5 -1.75 -1.25 -1.68
C VAL A 5 -0.35 -0.72 -1.36
N GLN A 6 0.66 -1.35 -1.91
CA GLN A 6 2.06 -0.96 -1.67
C GLN A 6 2.31 0.43 -2.26
N PHE A 7 1.59 0.74 -3.32
CA PHE A 7 1.61 2.05 -3.95
C PHE A 7 1.17 3.14 -2.96
N LEU A 8 0.25 2.79 -2.09
CA LEU A 8 -0.28 3.75 -1.15
C LEU A 8 0.49 3.65 0.17
N GLY A 1 1.33 3.12 0.39
CA GLY A 1 2.04 2.99 1.65
C GLY A 1 1.32 2.11 2.65
N THR A 2 0.54 1.18 2.16
CA THR A 2 -0.19 0.26 3.03
C THR A 2 0.16 -1.16 2.63
N VAL A 3 -0.47 -2.13 3.26
CA VAL A 3 -0.23 -3.52 2.95
C VAL A 3 -1.07 -3.94 1.75
N ALA A 4 -2.26 -3.35 1.64
CA ALA A 4 -3.17 -3.71 0.56
C ALA A 4 -2.73 -3.06 -0.71
N VAL A 5 -2.30 -1.84 -0.59
CA VAL A 5 -1.79 -1.09 -1.70
C VAL A 5 -0.42 -0.57 -1.29
N GLN A 6 0.63 -1.17 -1.81
CA GLN A 6 1.99 -0.77 -1.47
C GLN A 6 2.27 0.62 -2.02
N PHE A 7 1.64 0.92 -3.14
CA PHE A 7 1.69 2.21 -3.79
C PHE A 7 1.14 3.33 -2.87
N LEU A 8 0.26 2.96 -1.97
CA LEU A 8 -0.39 3.93 -1.11
C LEU A 8 0.23 3.84 0.29
N GLY A 1 1.16 3.07 0.44
CA GLY A 1 1.83 3.03 1.72
C GLY A 1 1.13 2.14 2.71
N THR A 2 0.22 1.30 2.21
CA THR A 2 -0.50 0.40 3.07
C THR A 2 -0.09 -1.02 2.73
N VAL A 3 -0.61 -1.99 3.44
CA VAL A 3 -0.30 -3.38 3.17
C VAL A 3 -1.14 -3.87 2.00
N ALA A 4 -2.34 -3.31 1.82
CA ALA A 4 -3.20 -3.73 0.73
C ALA A 4 -2.71 -3.10 -0.57
N VAL A 5 -2.31 -1.86 -0.48
CA VAL A 5 -1.80 -1.14 -1.59
C VAL A 5 -0.44 -0.58 -1.18
N GLN A 6 0.62 -1.31 -1.52
CA GLN A 6 1.98 -0.91 -1.15
C GLN A 6 2.33 0.45 -1.74
N PHE A 7 1.77 0.73 -2.89
CA PHE A 7 1.92 2.01 -3.57
C PHE A 7 1.33 3.16 -2.72
N LEU A 8 0.28 2.86 -1.98
CA LEU A 8 -0.42 3.86 -1.19
C LEU A 8 0.18 3.92 0.22
N GLY A 1 1.22 2.99 0.45
CA GLY A 1 1.89 2.81 1.71
C GLY A 1 1.15 1.90 2.67
N THR A 2 0.20 1.15 2.16
CA THR A 2 -0.54 0.26 2.99
C THR A 2 -0.02 -1.16 2.76
N VAL A 3 -0.58 -2.12 3.46
CA VAL A 3 -0.16 -3.50 3.30
C VAL A 3 -0.68 -4.04 1.96
N ALA A 4 -1.88 -3.66 1.59
CA ALA A 4 -2.47 -4.13 0.35
C ALA A 4 -1.97 -3.32 -0.84
N VAL A 5 -1.85 -2.02 -0.65
CA VAL A 5 -1.42 -1.15 -1.72
C VAL A 5 -0.10 -0.52 -1.34
N GLN A 6 0.98 -1.13 -1.81
CA GLN A 6 2.33 -0.65 -1.55
C GLN A 6 2.50 0.76 -2.09
N PHE A 7 1.82 1.01 -3.20
CA PHE A 7 1.76 2.31 -3.86
C PHE A 7 1.28 3.44 -2.91
N LEU A 8 0.36 3.11 -2.03
CA LEU A 8 -0.22 4.10 -1.16
C LEU A 8 0.40 3.99 0.25
N GLY A 1 1.47 2.92 0.23
CA GLY A 1 2.24 2.70 1.43
C GLY A 1 1.45 1.92 2.45
N THR A 2 0.65 1.00 1.97
CA THR A 2 -0.17 0.22 2.85
C THR A 2 0.13 -1.25 2.60
N VAL A 3 -0.52 -2.11 3.35
CA VAL A 3 -0.34 -3.54 3.20
C VAL A 3 -1.10 -4.01 1.96
N ALA A 4 -2.19 -3.34 1.65
CA ALA A 4 -3.04 -3.76 0.56
C ALA A 4 -2.54 -3.18 -0.76
N VAL A 5 -2.10 -1.95 -0.70
CA VAL A 5 -1.59 -1.27 -1.87
C VAL A 5 -0.20 -0.73 -1.53
N GLN A 6 0.83 -1.28 -2.18
CA GLN A 6 2.22 -0.85 -1.94
C GLN A 6 2.36 0.60 -2.34
N PHE A 7 1.70 0.96 -3.43
CA PHE A 7 1.66 2.32 -3.97
C PHE A 7 1.17 3.34 -2.93
N LEU A 8 0.26 2.93 -2.08
CA LEU A 8 -0.33 3.83 -1.12
C LEU A 8 0.40 3.71 0.22
N GLY A 1 1.32 2.77 0.21
CA GLY A 1 2.09 2.58 1.40
C GLY A 1 1.36 1.74 2.41
N THR A 2 0.45 0.92 1.95
CA THR A 2 -0.27 0.05 2.83
C THR A 2 0.06 -1.39 2.46
N VAL A 3 -0.38 -2.32 3.26
CA VAL A 3 -0.16 -3.74 2.97
C VAL A 3 -1.04 -4.15 1.79
N ALA A 4 -2.16 -3.46 1.65
CA ALA A 4 -3.09 -3.74 0.59
C ALA A 4 -2.66 -3.09 -0.71
N VAL A 5 -2.15 -1.88 -0.63
CA VAL A 5 -1.70 -1.15 -1.78
C VAL A 5 -0.30 -0.58 -1.50
N GLN A 6 0.71 -1.20 -2.05
CA GLN A 6 2.10 -0.79 -1.84
C GLN A 6 2.33 0.59 -2.42
N PHE A 7 1.63 0.90 -3.49
CA PHE A 7 1.65 2.21 -4.11
C PHE A 7 1.25 3.31 -3.11
N LEU A 8 0.33 2.99 -2.23
CA LEU A 8 -0.19 3.95 -1.27
C LEU A 8 0.59 3.85 0.05
N GLY A 1 1.46 3.29 0.71
CA GLY A 1 2.05 3.08 2.00
C GLY A 1 1.23 2.17 2.88
N THR A 2 0.60 1.19 2.28
CA THR A 2 -0.21 0.26 3.04
C THR A 2 0.13 -1.17 2.61
N VAL A 3 -0.54 -2.14 3.17
CA VAL A 3 -0.33 -3.52 2.80
C VAL A 3 -1.21 -3.85 1.59
N ALA A 4 -2.34 -3.16 1.49
CA ALA A 4 -3.31 -3.41 0.42
C ALA A 4 -2.84 -2.74 -0.85
N VAL A 5 -2.30 -1.56 -0.71
CA VAL A 5 -1.72 -0.81 -1.80
C VAL A 5 -0.35 -0.32 -1.37
N GLN A 6 0.68 -0.86 -1.96
CA GLN A 6 2.06 -0.55 -1.57
C GLN A 6 2.44 0.88 -1.89
N PHE A 7 1.99 1.42 -3.02
CA PHE A 7 2.32 2.81 -3.39
C PHE A 7 1.55 3.81 -2.53
N LEU A 8 0.64 3.30 -1.73
CA LEU A 8 -0.16 4.13 -0.87
C LEU A 8 0.34 3.98 0.56
N GLY A 1 1.41 3.04 0.34
CA GLY A 1 2.13 2.92 1.57
C GLY A 1 1.41 2.02 2.55
N THR A 2 0.62 1.12 2.03
CA THR A 2 -0.14 0.20 2.84
C THR A 2 0.19 -1.21 2.39
N VAL A 3 -0.26 -2.19 3.10
CA VAL A 3 -0.04 -3.57 2.72
C VAL A 3 -1.07 -4.00 1.66
N ALA A 4 -2.20 -3.30 1.64
CA ALA A 4 -3.26 -3.59 0.70
C ALA A 4 -2.89 -3.05 -0.66
N VAL A 5 -2.30 -1.87 -0.65
CA VAL A 5 -1.78 -1.25 -1.85
C VAL A 5 -0.40 -0.70 -1.50
N GLN A 6 0.65 -1.34 -1.99
CA GLN A 6 2.03 -0.92 -1.71
C GLN A 6 2.25 0.53 -2.13
N PHE A 7 1.70 0.85 -3.29
CA PHE A 7 1.72 2.20 -3.87
C PHE A 7 1.21 3.27 -2.90
N LEU A 8 0.29 2.92 -2.05
CA LEU A 8 -0.33 3.88 -1.15
C LEU A 8 0.37 3.86 0.22
N GLY A 1 1.23 2.79 0.34
CA GLY A 1 1.96 2.61 1.55
C GLY A 1 1.28 1.68 2.51
N THR A 2 0.17 1.14 2.11
CA THR A 2 -0.56 0.27 2.97
C THR A 2 -0.21 -1.18 2.64
N VAL A 3 -0.75 -2.11 3.39
CA VAL A 3 -0.47 -3.52 3.14
C VAL A 3 -1.26 -3.95 1.90
N ALA A 4 -2.46 -3.44 1.76
CA ALA A 4 -3.32 -3.76 0.65
C ALA A 4 -2.84 -3.08 -0.60
N VAL A 5 -2.40 -1.83 -0.46
CA VAL A 5 -1.92 -1.09 -1.58
C VAL A 5 -0.52 -0.56 -1.24
N GLN A 6 0.49 -1.33 -1.62
CA GLN A 6 1.90 -0.98 -1.40
C GLN A 6 2.22 0.37 -2.04
N PHE A 7 1.54 0.64 -3.14
CA PHE A 7 1.63 1.92 -3.85
C PHE A 7 1.26 3.10 -2.93
N LEU A 8 0.27 2.89 -2.07
CA LEU A 8 -0.23 3.93 -1.20
C LEU A 8 0.49 3.86 0.15
N GLY A 1 1.33 2.70 0.32
CA GLY A 1 2.06 2.48 1.53
C GLY A 1 1.26 1.72 2.56
N THR A 2 0.24 1.02 2.12
CA THR A 2 -0.59 0.25 3.02
C THR A 2 -0.26 -1.23 2.84
N VAL A 3 -0.97 -2.09 3.54
CA VAL A 3 -0.75 -3.53 3.44
C VAL A 3 -1.52 -4.06 2.23
N ALA A 4 -2.54 -3.35 1.82
CA ALA A 4 -3.33 -3.72 0.68
C ALA A 4 -2.77 -3.12 -0.60
N VAL A 5 -2.33 -1.89 -0.52
CA VAL A 5 -1.79 -1.20 -1.67
C VAL A 5 -0.39 -0.69 -1.37
N GLN A 6 0.62 -1.37 -1.91
CA GLN A 6 2.02 -1.01 -1.70
C GLN A 6 2.30 0.39 -2.26
N PHE A 7 1.59 0.72 -3.34
CA PHE A 7 1.63 2.04 -3.97
C PHE A 7 1.28 3.15 -2.98
N LEU A 8 0.35 2.88 -2.11
CA LEU A 8 -0.13 3.88 -1.18
C LEU A 8 0.60 3.77 0.16
N GLY A 1 1.22 3.15 0.66
CA GLY A 1 1.82 3.05 1.94
C GLY A 1 1.08 2.10 2.85
N THR A 2 0.24 1.27 2.27
CA THR A 2 -0.46 0.28 3.03
C THR A 2 0.01 -1.09 2.57
N VAL A 3 -0.55 -2.14 3.12
CA VAL A 3 -0.18 -3.47 2.72
C VAL A 3 -0.98 -3.86 1.48
N ALA A 4 -2.19 -3.32 1.39
CA ALA A 4 -3.07 -3.60 0.27
C ALA A 4 -2.64 -2.84 -0.96
N VAL A 5 -2.24 -1.60 -0.75
CA VAL A 5 -1.77 -0.76 -1.81
C VAL A 5 -0.40 -0.24 -1.41
N GLN A 6 0.61 -0.84 -1.96
CA GLN A 6 1.95 -0.57 -1.55
C GLN A 6 2.41 0.83 -1.93
N PHE A 7 1.97 1.33 -3.09
CA PHE A 7 2.36 2.69 -3.52
C PHE A 7 1.69 3.74 -2.64
N LEU A 8 0.67 3.33 -1.93
CA LEU A 8 -0.07 4.21 -1.08
C LEU A 8 0.58 4.25 0.29
N GLY A 1 1.60 2.51 0.12
CA GLY A 1 2.42 2.15 1.24
C GLY A 1 1.64 1.45 2.32
N THR A 2 0.57 0.79 1.95
CA THR A 2 -0.25 0.09 2.88
C THR A 2 -0.10 -1.41 2.65
N VAL A 3 -0.81 -2.21 3.42
CA VAL A 3 -0.74 -3.64 3.29
C VAL A 3 -1.51 -4.09 2.04
N ALA A 4 -2.59 -3.41 1.74
CA ALA A 4 -3.42 -3.75 0.61
C ALA A 4 -2.86 -3.17 -0.67
N VAL A 5 -2.36 -1.95 -0.60
CA VAL A 5 -1.84 -1.29 -1.78
C VAL A 5 -0.42 -0.80 -1.51
N GLN A 6 0.55 -1.45 -2.12
CA GLN A 6 1.96 -1.09 -1.96
C GLN A 6 2.20 0.31 -2.50
N PHE A 7 1.44 0.66 -3.51
CA PHE A 7 1.46 1.99 -4.12
C PHE A 7 1.13 3.09 -3.08
N LEU A 8 0.31 2.76 -2.11
CA LEU A 8 -0.06 3.74 -1.11
C LEU A 8 0.71 3.48 0.19
N GLY A 1 1.41 2.71 0.22
CA GLY A 1 2.18 2.50 1.41
C GLY A 1 1.37 1.83 2.49
N THR A 2 0.46 0.97 2.09
CA THR A 2 -0.36 0.24 3.01
C THR A 2 -0.16 -1.25 2.78
N VAL A 3 -0.87 -2.07 3.53
CA VAL A 3 -0.77 -3.51 3.36
C VAL A 3 -1.49 -3.92 2.08
N ALA A 4 -2.66 -3.35 1.86
CA ALA A 4 -3.47 -3.69 0.70
C ALA A 4 -2.88 -3.11 -0.58
N VAL A 5 -2.34 -1.90 -0.48
CA VAL A 5 -1.80 -1.23 -1.62
C VAL A 5 -0.40 -0.73 -1.29
N GLN A 6 0.60 -1.40 -1.82
CA GLN A 6 2.00 -1.02 -1.59
C GLN A 6 2.26 0.37 -2.17
N PHE A 7 1.59 0.67 -3.28
CA PHE A 7 1.63 1.99 -3.93
C PHE A 7 1.23 3.12 -2.96
N LEU A 8 0.28 2.82 -2.11
CA LEU A 8 -0.24 3.79 -1.17
C LEU A 8 0.54 3.70 0.14
#